data_9GU7
#
_entry.id   9GU7
#
_cell.length_a   42.455
_cell.length_b   41.681
_cell.length_c   72.709
_cell.angle_alpha   90.000
_cell.angle_beta   104.603
_cell.angle_gamma   90.000
#
_symmetry.space_group_name_H-M   'P 1 21 1'
#
loop_
_entity.id
_entity.type
_entity.pdbx_description
1 polymer 'Carbonic anhydrase 2'
2 non-polymer N-phenyl-2-(1H-tetrazol-5-yl)acetamide
3 non-polymer 1,2-ETHANEDIOL
4 non-polymer 'ZINC ION'
5 water water
#
_entity_poly.entity_id   1
_entity_poly.type   'polypeptide(L)'
_entity_poly.pdbx_seq_one_letter_code
;MSHHWGYGKHNGPEHWHKDFPIAKGERQSPVDIDTHTAKYDPSLKPLSVSYDQATSLRILNNGHAFNVEFDDSQDKAVLK
GGPLDGTYRLIQFHFHWGSLDGQGSEHTVDKKKYAAELHLVHWNTKYGDFGKAVQQPDGLAVLGIFLKVGSAKPGLQKVV
DVLDSIKTKGKSADFTNFDPRGLLPESLDYWTYPGSLTTPPLLECVTWIVLKEPISVSSEQVLKFRKLNFNGEGEPEELM
VDNWRPAQPLKNRQIKASFK
;
_entity_poly.pdbx_strand_id   AAA
#
loop_
_chem_comp.id
_chem_comp.type
_chem_comp.name
_chem_comp.formula
A1IOX non-polymer N-phenyl-2-(1H-tetrazol-5-yl)acetamide 'C9 H9 N5 O'
EDO non-polymer 1,2-ETHANEDIOL 'C2 H6 O2'
ZN non-polymer 'ZINC ION' 'Zn 2'
#
# COMPACT_ATOMS: atom_id res chain seq x y z
N HIS A 3 5.02 -22.68 -10.44
CA HIS A 3 3.80 -22.49 -9.53
C HIS A 3 4.06 -21.45 -8.44
N HIS A 4 4.29 -20.20 -8.86
CA HIS A 4 4.69 -19.03 -8.02
C HIS A 4 3.42 -18.43 -7.39
N TRP A 5 3.56 -17.69 -6.33
CA TRP A 5 2.42 -17.05 -5.61
C TRP A 5 1.75 -15.98 -6.47
N GLY A 6 0.45 -15.81 -6.24
CA GLY A 6 -0.29 -14.72 -6.87
C GLY A 6 -1.62 -14.51 -6.22
N TYR A 7 -2.63 -14.24 -7.06
CA TYR A 7 -3.97 -13.94 -6.57
C TYR A 7 -5.02 -14.76 -7.32
N GLY A 8 -4.63 -15.87 -7.94
CA GLY A 8 -5.59 -16.79 -8.60
C GLY A 8 -6.16 -17.86 -7.66
N LYS A 9 -7.01 -18.79 -8.15
CA LYS A 9 -7.61 -19.83 -7.26
C LYS A 9 -6.49 -20.76 -6.81
N HIS A 10 -5.51 -20.96 -7.66
CA HIS A 10 -4.54 -22.04 -7.34
C HIS A 10 -3.32 -21.47 -6.63
N ASN A 11 -3.14 -20.15 -6.56
CA ASN A 11 -1.88 -19.61 -6.01
C ASN A 11 -2.13 -18.39 -5.11
N GLY A 12 -3.38 -18.18 -4.71
CA GLY A 12 -3.79 -16.98 -3.99
C GLY A 12 -3.50 -17.08 -2.51
N PRO A 13 -3.97 -16.08 -1.75
CA PRO A 13 -3.61 -15.95 -0.34
C PRO A 13 -3.80 -17.20 0.53
N GLU A 14 -4.80 -18.03 0.28
CA GLU A 14 -5.08 -19.24 1.08
C GLU A 14 -3.97 -20.28 0.86
N HIS A 15 -3.14 -20.11 -0.17
CA HIS A 15 -2.03 -21.05 -0.48
C HIS A 15 -0.68 -20.56 0.03
N TRP A 16 -0.54 -19.27 0.33
CA TRP A 16 0.79 -18.68 0.59
C TRP A 16 1.50 -19.38 1.75
N HIS A 17 0.78 -19.84 2.78
CA HIS A 17 1.39 -20.42 3.99
C HIS A 17 2.31 -21.61 3.64
N LYS A 18 2.08 -22.27 2.50
CA LYS A 18 2.88 -23.46 2.15
C LYS A 18 4.33 -23.08 1.86
N ASP A 19 4.55 -21.98 1.16
CA ASP A 19 5.92 -21.50 0.93
C ASP A 19 6.38 -20.50 1.99
N PHE A 20 5.45 -19.81 2.66
CA PHE A 20 5.74 -18.71 3.61
C PHE A 20 4.93 -19.00 4.87
N PRO A 21 5.40 -19.90 5.76
CA PRO A 21 4.61 -20.27 6.94
C PRO A 21 4.26 -19.09 7.86
N ILE A 22 5.02 -18.00 7.79
CA ILE A 22 4.72 -16.77 8.60
CA ILE A 22 4.73 -16.76 8.57
C ILE A 22 3.33 -16.26 8.20
N ALA A 23 2.78 -16.69 7.07
CA ALA A 23 1.41 -16.28 6.69
C ALA A 23 0.44 -16.56 7.84
N LYS A 24 0.71 -17.52 8.71
CA LYS A 24 -0.18 -17.84 9.88
C LYS A 24 0.39 -17.27 11.17
N GLY A 25 1.22 -16.23 11.09
CA GLY A 25 1.95 -15.70 12.27
C GLY A 25 1.10 -14.79 13.14
N GLU A 26 1.74 -14.17 14.10
CA GLU A 26 1.09 -13.41 15.17
C GLU A 26 0.89 -11.93 14.85
N ARG A 27 1.47 -11.43 13.76
CA ARG A 27 1.35 -9.98 13.42
C ARG A 27 1.21 -9.81 11.90
N GLN A 28 0.24 -10.53 11.32
CA GLN A 28 0.00 -10.46 9.86
C GLN A 28 -0.98 -9.32 9.52
N SER A 29 -0.78 -8.81 8.32
CA SER A 29 -1.58 -7.72 7.74
C SER A 29 -2.18 -8.19 6.42
N PRO A 30 -3.26 -7.56 5.97
CA PRO A 30 -3.99 -6.46 6.64
C PRO A 30 -4.90 -7.04 7.74
N VAL A 31 -5.63 -6.14 8.37
CA VAL A 31 -6.62 -6.43 9.43
C VAL A 31 -7.85 -5.56 9.20
N ASP A 32 -8.96 -6.02 9.79
CA ASP A 32 -10.14 -5.16 9.93
C ASP A 32 -9.90 -4.19 11.08
N ILE A 33 -10.24 -2.93 10.84
CA ILE A 33 -10.18 -1.83 11.83
C ILE A 33 -11.57 -1.64 12.39
N ASP A 34 -11.78 -2.17 13.56
CA ASP A 34 -13.05 -1.99 14.30
CA ASP A 34 -13.07 -1.98 14.28
C ASP A 34 -13.00 -0.62 14.95
N THR A 35 -13.72 0.32 14.41
CA THR A 35 -13.66 1.74 14.87
C THR A 35 -14.14 1.89 16.31
N HIS A 36 -14.98 1.00 16.81
CA HIS A 36 -15.49 1.09 18.19
C HIS A 36 -14.54 0.46 19.21
N THR A 37 -13.56 -0.32 18.77
CA THR A 37 -12.56 -0.97 19.64
C THR A 37 -11.23 -0.20 19.60
N ALA A 38 -10.91 0.47 18.49
CA ALA A 38 -9.64 1.22 18.40
C ALA A 38 -9.66 2.31 19.47
N LYS A 39 -8.56 2.48 20.17
CA LYS A 39 -8.51 3.47 21.27
C LYS A 39 -7.77 4.72 20.83
N TYR A 40 -8.34 5.88 21.09
CA TYR A 40 -7.61 7.17 20.95
C TYR A 40 -6.41 7.10 21.90
N ASP A 41 -5.25 7.42 21.35
CA ASP A 41 -3.99 7.45 22.11
C ASP A 41 -3.47 8.88 22.10
N PRO A 42 -3.70 9.68 23.15
CA PRO A 42 -3.29 11.08 23.14
C PRO A 42 -1.78 11.31 23.10
N SER A 43 -0.99 10.22 23.32
CA SER A 43 0.50 10.28 23.25
C SER A 43 1.04 10.11 21.83
N LEU A 44 0.23 9.69 20.88
CA LEU A 44 0.72 9.64 19.48
C LEU A 44 1.00 11.07 19.00
N LYS A 45 1.98 11.25 18.16
CA LYS A 45 2.17 12.55 17.47
C LYS A 45 1.46 12.66 16.14
N PRO A 46 1.37 13.93 15.66
CA PRO A 46 1.04 14.23 14.31
C PRO A 46 2.17 13.54 13.54
N LEU A 47 1.68 13.09 12.42
CA LEU A 47 2.50 12.48 11.40
C LEU A 47 3.22 13.63 10.67
N SER A 48 4.45 13.38 10.30
CA SER A 48 5.24 14.31 9.49
C SER A 48 5.50 13.62 8.16
N VAL A 49 4.80 14.04 7.14
CA VAL A 49 5.03 13.55 5.75
C VAL A 49 5.83 14.62 5.02
N SER A 50 7.09 14.36 4.71
CA SER A 50 8.00 15.37 4.08
C SER A 50 8.40 14.87 2.70
N TYR A 51 7.59 15.22 1.71
CA TYR A 51 7.71 14.74 0.31
C TYR A 51 8.12 15.88 -0.62
N ASP A 52 8.41 17.09 -0.10
CA ASP A 52 8.85 18.20 -0.99
C ASP A 52 10.03 17.77 -1.90
N GLN A 53 11.01 17.04 -1.40
CA GLN A 53 12.26 16.75 -2.17
C GLN A 53 12.18 15.35 -2.84
N ALA A 54 11.00 14.72 -2.89
CA ALA A 54 10.85 13.36 -3.44
C ALA A 54 11.30 13.33 -4.89
N THR A 55 12.04 12.30 -5.24
CA THR A 55 12.55 12.04 -6.61
C THR A 55 12.00 10.71 -7.07
N SER A 56 10.91 10.73 -7.83
CA SER A 56 10.42 9.49 -8.46
C SER A 56 11.36 9.16 -9.62
N LEU A 57 11.48 7.90 -9.97
CA LEU A 57 12.40 7.49 -11.07
C LEU A 57 11.68 6.69 -12.13
N ARG A 58 10.85 5.72 -11.74
CA ARG A 58 10.45 4.68 -12.68
C ARG A 58 9.16 4.07 -12.17
N ILE A 59 8.37 3.53 -13.10
CA ILE A 59 7.16 2.75 -12.80
C ILE A 59 7.33 1.37 -13.42
N LEU A 60 7.04 0.34 -12.64
CA LEU A 60 7.32 -1.07 -13.00
C LEU A 60 6.05 -1.88 -12.76
N ASN A 61 5.65 -2.67 -13.77
CA ASN A 61 4.67 -3.75 -13.55
C ASN A 61 5.43 -4.99 -13.10
N ASN A 62 5.26 -5.40 -11.85
CA ASN A 62 6.02 -6.54 -11.32
C ASN A 62 5.22 -7.83 -11.38
N GLY A 63 4.08 -7.83 -12.08
CA GLY A 63 3.24 -9.03 -12.13
C GLY A 63 2.27 -9.17 -11.00
N HIS A 64 2.35 -8.33 -9.98
CA HIS A 64 1.47 -8.34 -8.79
C HIS A 64 0.72 -7.00 -8.73
N ALA A 65 1.41 -5.92 -8.95
CA ALA A 65 0.90 -4.55 -8.95
C ALA A 65 1.82 -3.73 -9.83
N PHE A 66 1.70 -2.43 -9.74
CA PHE A 66 2.74 -1.54 -10.30
C PHE A 66 3.34 -0.72 -9.18
N ASN A 67 4.67 -0.59 -9.22
CA ASN A 67 5.39 0.21 -8.22
C ASN A 67 5.92 1.47 -8.91
N VAL A 68 5.63 2.59 -8.29
CA VAL A 68 6.31 3.88 -8.53
C VAL A 68 7.50 3.94 -7.59
N GLU A 69 8.71 3.94 -8.18
CA GLU A 69 9.96 3.81 -7.44
C GLU A 69 10.59 5.19 -7.24
N PHE A 70 11.19 5.40 -6.10
CA PHE A 70 11.85 6.66 -5.73
C PHE A 70 13.34 6.41 -5.54
N ASP A 71 14.08 7.51 -5.64
CA ASP A 71 15.50 7.57 -5.21
C ASP A 71 15.54 7.61 -3.69
N ASP A 72 15.94 6.52 -3.08
CA ASP A 72 16.02 6.41 -1.60
C ASP A 72 17.50 6.28 -1.17
N SER A 73 18.42 6.84 -1.93
CA SER A 73 19.89 6.77 -1.66
C SER A 73 20.31 7.89 -0.68
N GLN A 74 19.42 8.85 -0.44
CA GLN A 74 19.54 9.91 0.61
C GLN A 74 18.15 10.21 1.17
N ASP A 75 18.04 11.04 2.23
N ASP A 75 18.14 10.88 2.32
CA ASP A 75 16.80 11.32 3.00
CA ASP A 75 16.96 11.54 2.92
C ASP A 75 15.93 12.43 2.34
C ASP A 75 16.46 12.57 1.91
N LYS A 76 15.45 12.19 1.13
CA LYS A 76 14.64 13.15 0.31
C LYS A 76 13.21 13.16 0.82
N ALA A 77 12.47 12.10 0.55
CA ALA A 77 11.06 11.88 0.88
C ALA A 77 11.01 10.99 2.13
N VAL A 78 10.61 11.54 3.27
CA VAL A 78 10.65 10.78 4.53
C VAL A 78 9.34 10.91 5.31
N LEU A 79 9.06 9.88 6.07
CA LEU A 79 7.95 9.84 7.02
C LEU A 79 8.57 9.78 8.41
N LYS A 80 8.04 10.58 9.32
CA LYS A 80 8.51 10.69 10.72
C LYS A 80 7.29 11.00 11.57
N GLY A 81 7.48 10.91 12.87
CA GLY A 81 6.41 11.28 13.81
C GLY A 81 5.36 10.23 13.87
N GLY A 82 4.17 10.63 14.26
CA GLY A 82 3.11 9.67 14.57
C GLY A 82 3.59 8.64 15.59
N PRO A 83 3.46 7.33 15.30
CA PRO A 83 3.94 6.31 16.20
C PRO A 83 5.43 6.00 16.06
N LEU A 84 6.10 6.66 15.10
CA LEU A 84 7.45 6.24 14.68
C LEU A 84 8.56 6.88 15.54
N ASP A 85 9.63 6.17 15.69
CA ASP A 85 10.89 6.75 16.23
C ASP A 85 11.85 6.75 15.03
N GLY A 86 12.50 7.87 14.80
CA GLY A 86 13.45 8.05 13.69
C GLY A 86 12.79 8.29 12.36
N THR A 87 13.57 7.99 11.35
CA THR A 87 13.35 8.53 10.00
C THR A 87 13.14 7.37 9.03
N TYR A 88 12.06 7.40 8.27
CA TYR A 88 11.75 6.34 7.31
C TYR A 88 11.73 6.93 5.89
N ARG A 89 12.52 6.34 4.99
CA ARG A 89 12.68 6.89 3.59
C ARG A 89 11.69 6.20 2.67
N LEU A 90 10.99 6.97 1.85
CA LEU A 90 10.09 6.44 0.82
C LEU A 90 10.91 5.68 -0.21
N ILE A 91 10.54 4.42 -0.45
CA ILE A 91 11.19 3.60 -1.50
C ILE A 91 10.24 3.42 -2.68
N GLN A 92 8.95 3.15 -2.46
CA GLN A 92 8.01 2.98 -3.58
C GLN A 92 6.61 3.16 -3.05
N PHE A 93 5.69 3.43 -3.97
CA PHE A 93 4.27 3.22 -3.68
C PHE A 93 3.63 2.32 -4.73
N HIS A 94 2.54 1.70 -4.31
CA HIS A 94 1.74 0.86 -5.19
C HIS A 94 0.32 0.85 -4.66
N PHE A 95 -0.57 0.19 -5.38
CA PHE A 95 -1.97 0.03 -5.02
C PHE A 95 -2.35 -1.43 -5.04
N HIS A 96 -3.45 -1.69 -4.36
CA HIS A 96 -4.22 -2.93 -4.44
C HIS A 96 -5.66 -2.54 -4.83
N TRP A 97 -6.30 -3.27 -5.73
CA TRP A 97 -7.62 -2.87 -6.22
C TRP A 97 -8.43 -4.09 -6.62
N GLY A 98 -9.70 -3.83 -6.89
CA GLY A 98 -10.67 -4.89 -7.14
C GLY A 98 -11.08 -4.98 -8.60
N SER A 99 -11.86 -6.02 -8.88
CA SER A 99 -12.51 -6.19 -10.20
C SER A 99 -13.76 -5.28 -10.32
N LEU A 100 -14.32 -4.88 -9.21
CA LEU A 100 -15.51 -3.97 -9.15
C LEU A 100 -15.29 -3.07 -7.94
N ASP A 101 -16.08 -2.01 -7.83
CA ASP A 101 -15.78 -0.97 -6.81
C ASP A 101 -16.06 -1.45 -5.36
N GLY A 102 -16.83 -2.53 -5.18
CA GLY A 102 -17.18 -3.07 -3.83
C GLY A 102 -16.09 -3.87 -3.16
N GLN A 103 -14.91 -3.97 -3.77
CA GLN A 103 -13.79 -4.65 -3.14
C GLN A 103 -12.49 -4.11 -3.74
N GLY A 104 -11.39 -4.41 -3.04
CA GLY A 104 -10.08 -3.97 -3.56
C GLY A 104 -9.14 -3.61 -2.44
N SER A 105 -9.63 -3.02 -1.36
CA SER A 105 -8.75 -2.63 -0.23
C SER A 105 -8.31 -3.88 0.53
N GLU A 106 -7.18 -3.73 1.18
CA GLU A 106 -6.62 -4.77 2.07
C GLU A 106 -7.14 -4.58 3.48
N HIS A 107 -6.83 -3.44 4.09
CA HIS A 107 -7.51 -3.12 5.34
C HIS A 107 -8.99 -2.86 5.05
N THR A 108 -9.80 -3.11 6.04
CA THR A 108 -11.24 -2.82 6.06
C THR A 108 -11.56 -1.98 7.26
N VAL A 109 -12.68 -1.29 7.21
CA VAL A 109 -13.08 -0.39 8.31
C VAL A 109 -14.47 -0.83 8.70
N ASP A 110 -14.63 -1.41 9.89
CA ASP A 110 -15.91 -2.02 10.29
C ASP A 110 -16.42 -2.96 9.18
N LYS A 111 -15.50 -3.75 8.62
CA LYS A 111 -15.72 -4.75 7.55
C LYS A 111 -16.01 -4.10 6.19
N LYS A 112 -16.03 -2.78 6.08
CA LYS A 112 -16.21 -2.12 4.78
C LYS A 112 -14.94 -2.31 3.96
N LYS A 113 -15.12 -2.71 2.72
CA LYS A 113 -14.02 -2.74 1.71
CA LYS A 113 -14.04 -2.76 1.70
C LYS A 113 -14.12 -1.52 0.82
N TYR A 114 -13.00 -0.87 0.63
CA TYR A 114 -12.89 0.23 -0.34
C TYR A 114 -12.52 -0.33 -1.71
N ALA A 115 -12.66 0.51 -2.72
CA ALA A 115 -12.35 0.11 -4.12
C ALA A 115 -10.87 -0.18 -4.33
N ALA A 116 -10.03 0.45 -3.55
CA ALA A 116 -8.59 0.26 -3.68
C ALA A 116 -7.90 0.81 -2.43
N GLU A 117 -6.61 0.55 -2.35
CA GLU A 117 -5.77 1.00 -1.23
C GLU A 117 -4.39 1.32 -1.78
N LEU A 118 -3.91 2.50 -1.44
CA LEU A 118 -2.55 2.98 -1.78
C LEU A 118 -1.65 2.73 -0.59
N HIS A 119 -0.47 2.15 -0.87
CA HIS A 119 0.58 1.90 0.11
C HIS A 119 1.82 2.67 -0.30
N LEU A 120 2.25 3.59 0.56
CA LEU A 120 3.53 4.27 0.45
C LEU A 120 4.50 3.64 1.44
N VAL A 121 5.48 2.94 0.90
CA VAL A 121 6.37 2.03 1.66
C VAL A 121 7.64 2.82 1.99
N HIS A 122 8.01 2.78 3.25
CA HIS A 122 9.19 3.51 3.74
C HIS A 122 10.03 2.62 4.63
N TRP A 123 11.36 2.77 4.62
CA TRP A 123 12.24 1.94 5.46
C TRP A 123 13.01 2.81 6.46
N ASN A 124 13.29 2.22 7.61
CA ASN A 124 13.94 2.88 8.75
C ASN A 124 15.44 3.06 8.45
N THR A 125 15.87 4.31 8.40
CA THR A 125 17.27 4.59 7.96
C THR A 125 18.28 4.11 9.00
N LYS A 126 17.83 3.71 10.25
CA LYS A 126 18.84 3.23 11.20
C LYS A 126 19.35 1.86 10.78
N TYR A 127 18.69 1.16 9.84
CA TYR A 127 19.18 -0.16 9.37
C TYR A 127 19.98 -0.05 8.06
N GLY A 128 20.14 1.14 7.51
CA GLY A 128 21.10 1.33 6.39
C GLY A 128 20.60 0.96 5.00
N ASP A 129 19.88 -0.14 4.82
CA ASP A 129 19.27 -0.47 3.52
C ASP A 129 17.95 -1.23 3.76
N PHE A 130 17.16 -1.29 2.71
CA PHE A 130 15.81 -1.89 2.78
C PHE A 130 15.91 -3.37 3.15
N GLY A 131 16.85 -4.11 2.56
CA GLY A 131 16.99 -5.54 2.86
C GLY A 131 17.30 -5.83 4.32
N LYS A 132 18.05 -4.96 4.99
CA LYS A 132 18.33 -5.13 6.41
C LYS A 132 17.10 -4.71 7.22
N ALA A 133 16.43 -3.66 6.77
CA ALA A 133 15.25 -3.14 7.49
C ALA A 133 14.15 -4.21 7.57
N VAL A 134 13.91 -5.00 6.50
CA VAL A 134 12.77 -5.95 6.56
C VAL A 134 13.00 -7.06 7.58
N GLN A 135 14.22 -7.17 8.08
CA GLN A 135 14.55 -8.23 9.05
C GLN A 135 14.29 -7.74 10.48
N GLN A 136 13.75 -6.52 10.64
CA GLN A 136 13.61 -5.93 11.98
C GLN A 136 12.15 -5.59 12.24
N PRO A 137 11.68 -5.72 13.50
CA PRO A 137 10.28 -5.48 13.81
C PRO A 137 9.80 -4.05 13.60
N ASP A 138 10.74 -3.12 13.65
CA ASP A 138 10.46 -1.68 13.33
C ASP A 138 11.17 -1.27 12.04
N GLY A 139 11.29 -2.15 11.06
CA GLY A 139 12.07 -1.82 9.87
C GLY A 139 11.35 -0.96 8.85
N LEU A 140 10.04 -1.16 8.72
CA LEU A 140 9.24 -0.46 7.68
C LEU A 140 8.12 0.33 8.29
N ALA A 141 7.70 1.38 7.59
CA ALA A 141 6.45 2.10 7.91
C ALA A 141 5.71 2.20 6.60
N VAL A 142 4.47 1.72 6.59
CA VAL A 142 3.64 1.79 5.39
C VAL A 142 2.47 2.70 5.70
N LEU A 143 2.34 3.72 4.86
CA LEU A 143 1.22 4.67 4.97
C LEU A 143 0.18 4.16 3.98
N GLY A 144 -0.97 3.80 4.54
CA GLY A 144 -2.08 3.26 3.74
C GLY A 144 -3.20 4.29 3.61
N ILE A 145 -3.72 4.41 2.40
CA ILE A 145 -4.74 5.41 2.03
C ILE A 145 -5.80 4.69 1.24
N PHE A 146 -7.03 4.78 1.70
CA PHE A 146 -8.16 4.16 0.96
C PHE A 146 -8.57 5.01 -0.23
N LEU A 147 -9.01 4.34 -1.27
CA LEU A 147 -9.62 4.96 -2.46
C LEU A 147 -11.09 4.56 -2.56
N LYS A 148 -11.94 5.58 -2.69
CA LYS A 148 -13.33 5.43 -3.11
C LYS A 148 -13.54 6.02 -4.48
N VAL A 149 -14.59 5.54 -5.13
CA VAL A 149 -14.87 5.98 -6.52
C VAL A 149 -15.87 7.12 -6.48
N GLY A 150 -15.48 8.26 -7.03
CA GLY A 150 -16.41 9.40 -7.13
C GLY A 150 -15.84 10.41 -8.11
N SER A 151 -15.42 11.55 -7.59
CA SER A 151 -14.66 12.58 -8.34
CA SER A 151 -14.69 12.55 -8.38
C SER A 151 -13.26 12.06 -8.67
N ALA A 152 -12.71 12.53 -9.78
CA ALA A 152 -11.32 12.23 -10.20
C ALA A 152 -10.32 12.79 -9.18
N LYS A 153 -9.20 12.08 -9.02
CA LYS A 153 -8.06 12.63 -8.26
C LYS A 153 -7.09 13.23 -9.25
N PRO A 154 -6.96 14.57 -9.36
CA PRO A 154 -6.07 15.12 -10.39
C PRO A 154 -4.63 14.60 -10.28
N GLY A 155 -4.13 14.43 -9.06
CA GLY A 155 -2.74 14.03 -8.83
C GLY A 155 -2.46 12.58 -9.21
N LEU A 156 -3.50 11.80 -9.47
CA LEU A 156 -3.36 10.38 -9.87
C LEU A 156 -3.26 10.30 -11.39
N GLN A 157 -3.68 11.29 -12.18
CA GLN A 157 -3.84 11.10 -13.64
C GLN A 157 -2.50 10.79 -14.33
N LYS A 158 -1.39 11.39 -13.89
CA LYS A 158 -0.08 11.08 -14.55
C LYS A 158 0.19 9.56 -14.40
N VAL A 159 -0.18 8.99 -13.27
CA VAL A 159 -0.01 7.54 -13.08
C VAL A 159 -0.90 6.80 -14.07
N VAL A 160 -2.18 7.12 -14.09
CA VAL A 160 -3.17 6.44 -14.97
C VAL A 160 -2.63 6.49 -16.40
N ASP A 161 -2.13 7.63 -16.84
CA ASP A 161 -1.85 7.80 -18.28
C ASP A 161 -0.60 7.06 -18.72
N VAL A 162 0.25 6.57 -17.81
CA VAL A 162 1.43 5.79 -18.19
C VAL A 162 1.12 4.28 -18.19
N LEU A 163 -0.02 3.84 -17.64
CA LEU A 163 -0.25 2.40 -17.46
C LEU A 163 -0.28 1.62 -18.79
N ASP A 164 -0.77 2.23 -19.87
CA ASP A 164 -0.78 1.59 -21.21
C ASP A 164 0.62 1.14 -21.60
N SER A 165 1.66 1.83 -21.13
CA SER A 165 3.07 1.57 -21.51
C SER A 165 3.67 0.48 -20.63
N ILE A 166 3.00 0.04 -19.57
CA ILE A 166 3.51 -1.01 -18.67
C ILE A 166 2.43 -2.09 -18.46
N LYS A 167 1.81 -2.49 -19.55
CA LYS A 167 0.63 -3.36 -19.47
C LYS A 167 0.96 -4.70 -18.82
N THR A 168 2.11 -5.25 -19.15
CA THR A 168 2.47 -6.62 -18.81
C THR A 168 3.65 -6.67 -17.84
N LYS A 169 3.73 -7.80 -17.17
CA LYS A 169 4.77 -8.14 -16.19
C LYS A 169 6.17 -7.95 -16.74
N GLY A 170 6.95 -7.17 -16.00
CA GLY A 170 8.36 -6.89 -16.33
C GLY A 170 8.53 -5.63 -17.13
N LYS A 171 7.45 -5.02 -17.59
CA LYS A 171 7.60 -3.74 -18.29
CA LYS A 171 7.60 -3.74 -18.29
C LYS A 171 7.80 -2.60 -17.30
N SER A 172 8.60 -1.66 -17.67
CA SER A 172 8.81 -0.44 -16.86
C SER A 172 8.84 0.79 -17.79
N ALA A 173 8.72 1.96 -17.19
CA ALA A 173 8.80 3.23 -17.91
C ALA A 173 9.45 4.28 -17.02
N ASP A 174 10.10 5.23 -17.65
CA ASP A 174 10.62 6.39 -16.93
C ASP A 174 9.43 7.07 -16.26
N PHE A 175 9.61 7.54 -15.00
CA PHE A 175 8.50 8.15 -14.24
C PHE A 175 9.08 9.15 -13.28
N THR A 176 9.80 10.12 -13.87
CA THR A 176 10.44 11.22 -13.13
C THR A 176 9.42 12.29 -12.79
N ASN A 177 9.80 13.06 -11.80
CA ASN A 177 9.12 14.32 -11.43
C ASN A 177 7.66 14.12 -10.99
N PHE A 178 7.30 12.96 -10.47
CA PHE A 178 5.94 12.72 -9.94
C PHE A 178 5.94 13.13 -8.47
N ASP A 179 4.95 13.90 -8.07
CA ASP A 179 4.81 14.43 -6.71
C ASP A 179 3.77 13.62 -5.96
N PRO A 180 4.18 12.77 -5.00
CA PRO A 180 3.23 11.93 -4.27
C PRO A 180 2.32 12.73 -3.31
N ARG A 181 2.65 13.98 -3.03
CA ARG A 181 1.78 14.85 -2.19
C ARG A 181 0.39 14.90 -2.83
N GLY A 182 0.31 14.77 -4.16
CA GLY A 182 -0.99 14.86 -4.87
C GLY A 182 -1.85 13.64 -4.65
N LEU A 183 -1.36 12.66 -3.89
CA LEU A 183 -2.19 11.46 -3.60
C LEU A 183 -2.77 11.47 -2.18
N LEU A 184 -2.44 12.47 -1.37
CA LEU A 184 -2.85 12.48 0.06
C LEU A 184 -4.24 13.11 0.19
N PRO A 185 -5.01 12.67 1.19
CA PRO A 185 -6.22 13.39 1.56
C PRO A 185 -5.87 14.66 2.37
N GLU A 186 -6.90 15.42 2.71
CA GLU A 186 -6.74 16.67 3.49
CA GLU A 186 -6.72 16.67 3.51
C GLU A 186 -6.20 16.35 4.89
N SER A 187 -6.84 15.40 5.58
CA SER A 187 -6.57 15.02 6.97
C SER A 187 -5.51 13.93 7.04
N LEU A 188 -4.62 14.03 8.01
CA LEU A 188 -3.64 12.98 8.31
C LEU A 188 -4.07 12.21 9.56
N ASP A 189 -5.31 12.31 10.00
CA ASP A 189 -5.80 11.44 11.12
C ASP A 189 -5.59 9.97 10.70
N TYR A 190 -5.17 9.13 11.64
CA TYR A 190 -4.79 7.76 11.30
C TYR A 190 -5.08 6.78 12.43
N TRP A 191 -5.10 5.53 12.02
CA TRP A 191 -5.02 4.35 12.89
C TRP A 191 -3.61 3.73 12.72
N THR A 192 -3.11 3.12 13.76
CA THR A 192 -1.78 2.46 13.71
C THR A 192 -1.81 1.13 14.45
N TYR A 193 -1.03 0.19 13.98
CA TYR A 193 -0.85 -1.11 14.62
C TYR A 193 0.40 -1.76 14.01
N PRO A 194 0.98 -2.74 14.76
CA PRO A 194 2.12 -3.48 14.25
C PRO A 194 1.69 -4.63 13.36
N GLY A 195 2.29 -4.72 12.18
CA GLY A 195 1.89 -5.80 11.26
C GLY A 195 3.01 -6.21 10.33
N SER A 196 2.60 -6.56 9.15
CA SER A 196 3.45 -7.26 8.16
C SER A 196 3.34 -6.69 6.75
N LEU A 197 4.23 -7.15 5.88
CA LEU A 197 4.01 -7.02 4.44
C LEU A 197 2.76 -7.84 4.13
N THR A 198 2.00 -7.41 3.14
CA THR A 198 0.76 -8.09 2.76
C THR A 198 0.96 -8.99 1.53
N THR A 199 2.19 -9.11 1.03
CA THR A 199 2.55 -10.08 -0.01
C THR A 199 3.71 -10.88 0.55
N PRO A 200 3.91 -12.09 0.03
CA PRO A 200 5.17 -12.79 0.28
C PRO A 200 6.33 -11.82 0.09
N PRO A 201 7.32 -11.83 0.99
CA PRO A 201 7.54 -12.84 2.05
C PRO A 201 6.81 -12.65 3.40
N LEU A 202 5.86 -11.68 3.44
CA LEU A 202 4.94 -11.55 4.59
C LEU A 202 5.69 -11.23 5.89
N LEU A 203 6.84 -10.59 5.79
CA LEU A 203 7.67 -10.34 6.96
C LEU A 203 7.01 -9.40 7.93
N GLU A 204 7.19 -9.68 9.22
CA GLU A 204 6.53 -8.97 10.32
C GLU A 204 7.35 -7.77 10.78
N CYS A 205 7.49 -6.81 9.90
CA CYS A 205 8.47 -5.72 10.00
C CYS A 205 7.84 -4.34 9.81
N VAL A 206 6.50 -4.28 9.79
CA VAL A 206 5.81 -3.02 9.40
C VAL A 206 5.08 -2.38 10.57
N THR A 207 5.33 -1.07 10.75
CA THR A 207 4.38 -0.24 11.50
C THR A 207 3.39 0.32 10.48
N TRP A 208 2.13 -0.07 10.60
CA TRP A 208 1.05 0.37 9.73
C TRP A 208 0.50 1.69 10.22
N ILE A 209 0.31 2.60 9.30
CA ILE A 209 -0.33 3.91 9.55
C ILE A 209 -1.40 4.02 8.45
N VAL A 210 -2.64 3.89 8.83
CA VAL A 210 -3.76 3.85 7.88
C VAL A 210 -4.58 5.12 8.05
N LEU A 211 -4.63 5.95 7.02
CA LEU A 211 -5.39 7.21 7.14
C LEU A 211 -6.90 6.98 7.18
N LYS A 212 -7.56 7.74 8.06
CA LYS A 212 -9.03 7.61 8.17
C LYS A 212 -9.71 8.12 6.90
N GLU A 213 -9.24 9.22 6.35
CA GLU A 213 -9.92 9.90 5.22
C GLU A 213 -9.51 9.25 3.91
N PRO A 214 -10.46 8.69 3.16
CA PRO A 214 -10.14 8.17 1.84
C PRO A 214 -9.95 9.31 0.83
N ILE A 215 -9.23 8.99 -0.23
CA ILE A 215 -9.20 9.86 -1.43
C ILE A 215 -10.27 9.37 -2.40
N SER A 216 -10.77 10.30 -3.18
CA SER A 216 -11.72 10.00 -4.27
CA SER A 216 -11.73 10.01 -4.26
C SER A 216 -10.95 9.91 -5.57
N VAL A 217 -11.22 8.85 -6.32
CA VAL A 217 -10.75 8.71 -7.71
C VAL A 217 -11.96 8.51 -8.61
N SER A 218 -11.81 8.73 -9.90
CA SER A 218 -12.96 8.49 -10.82
C SER A 218 -13.06 7.03 -11.26
N SER A 219 -14.24 6.69 -11.72
CA SER A 219 -14.48 5.33 -12.26
CA SER A 219 -14.50 5.34 -12.29
C SER A 219 -13.52 5.13 -13.45
N GLU A 220 -13.30 6.16 -14.25
CA GLU A 220 -12.39 6.08 -15.41
C GLU A 220 -10.96 5.80 -14.94
N GLN A 221 -10.52 6.42 -13.85
CA GLN A 221 -9.17 6.17 -13.32
C GLN A 221 -9.06 4.70 -12.93
N VAL A 222 -9.93 4.17 -12.08
CA VAL A 222 -9.76 2.77 -11.60
CA VAL A 222 -9.75 2.78 -11.59
C VAL A 222 -9.97 1.79 -12.76
N LEU A 223 -10.81 2.13 -13.75
CA LEU A 223 -10.98 1.23 -14.91
C LEU A 223 -9.64 1.01 -15.59
N LYS A 224 -8.79 2.02 -15.62
CA LYS A 224 -7.48 1.91 -16.29
C LYS A 224 -6.57 1.01 -15.45
N PHE A 225 -6.62 1.08 -14.12
CA PHE A 225 -5.90 0.10 -13.30
C PHE A 225 -6.28 -1.32 -13.70
N ARG A 226 -7.57 -1.55 -13.97
CA ARG A 226 -8.07 -2.91 -14.21
C ARG A 226 -7.78 -3.39 -15.64
N LYS A 227 -7.15 -2.58 -16.48
CA LYS A 227 -6.69 -2.98 -17.82
C LYS A 227 -5.26 -3.53 -17.79
N LEU A 228 -4.55 -3.34 -16.68
CA LEU A 228 -3.22 -3.95 -16.56
C LEU A 228 -3.33 -5.47 -16.60
N ASN A 229 -2.18 -6.13 -16.81
CA ASN A 229 -2.08 -7.60 -16.88
C ASN A 229 -1.15 -8.15 -15.83
N PHE A 230 -1.54 -9.25 -15.22
CA PHE A 230 -0.62 -10.05 -14.37
C PHE A 230 0.45 -10.75 -15.22
N ASN A 231 0.04 -11.17 -16.40
CA ASN A 231 0.86 -11.96 -17.34
C ASN A 231 1.91 -11.09 -17.98
N GLY A 232 2.91 -11.79 -18.51
CA GLY A 232 3.90 -11.20 -19.40
C GLY A 232 3.40 -11.01 -20.83
N GLU A 233 4.17 -10.25 -21.58
CA GLU A 233 3.91 -9.96 -23.00
C GLU A 233 3.72 -11.26 -23.78
N GLY A 234 2.68 -11.29 -24.60
CA GLY A 234 2.35 -12.40 -25.50
C GLY A 234 1.69 -13.58 -24.79
N GLU A 235 1.63 -13.63 -23.47
CA GLU A 235 1.03 -14.76 -22.73
C GLU A 235 -0.48 -14.55 -22.67
N PRO A 236 -1.29 -15.60 -22.37
CA PRO A 236 -2.73 -15.43 -22.23
C PRO A 236 -3.04 -14.28 -21.25
N GLU A 237 -4.00 -13.44 -21.62
CA GLU A 237 -4.33 -12.27 -20.80
C GLU A 237 -5.06 -12.67 -19.51
N GLU A 238 -4.51 -12.17 -18.43
CA GLU A 238 -5.08 -12.28 -17.09
C GLU A 238 -5.11 -10.89 -16.53
N LEU A 239 -6.27 -10.29 -16.46
CA LEU A 239 -6.36 -8.90 -16.03
C LEU A 239 -5.87 -8.79 -14.59
N MET A 240 -5.12 -7.74 -14.33
CA MET A 240 -4.61 -7.42 -12.99
C MET A 240 -5.74 -6.75 -12.22
N VAL A 241 -6.49 -7.59 -11.50
CA VAL A 241 -7.63 -7.19 -10.63
C VAL A 241 -7.59 -8.10 -9.41
N ASP A 242 -8.17 -7.60 -8.32
CA ASP A 242 -8.28 -8.38 -7.08
C ASP A 242 -6.92 -8.84 -6.58
N ASN A 243 -5.98 -7.91 -6.58
CA ASN A 243 -4.61 -8.13 -6.10
C ASN A 243 -4.50 -7.69 -4.63
N TRP A 244 -5.47 -8.08 -3.81
CA TRP A 244 -5.55 -7.77 -2.38
C TRP A 244 -5.58 -9.04 -1.54
N ARG A 245 -4.91 -8.98 -0.40
CA ARG A 245 -4.98 -10.03 0.63
C ARG A 245 -6.12 -9.68 1.57
N PRO A 246 -6.95 -10.65 1.97
CA PRO A 246 -8.04 -10.32 2.89
C PRO A 246 -7.50 -10.10 4.34
N ALA A 247 -8.39 -9.59 5.20
CA ALA A 247 -8.11 -9.32 6.62
C ALA A 247 -7.65 -10.62 7.28
N GLN A 248 -6.62 -10.47 8.13
CA GLN A 248 -6.01 -11.55 8.92
C GLN A 248 -6.36 -11.37 10.39
N PRO A 249 -6.20 -12.43 11.21
CA PRO A 249 -6.54 -12.33 12.62
C PRO A 249 -5.73 -11.25 13.32
N LEU A 250 -6.41 -10.47 14.16
CA LEU A 250 -5.73 -9.41 14.94
C LEU A 250 -4.85 -10.00 16.04
N LYS A 251 -5.24 -11.11 16.64
CA LYS A 251 -4.47 -11.77 17.72
C LYS A 251 -4.26 -10.79 18.84
N ASN A 252 -3.04 -10.70 19.34
CA ASN A 252 -2.73 -9.95 20.58
C ASN A 252 -2.26 -8.58 20.16
N ARG A 253 -3.12 -7.85 19.37
CA ARG A 253 -2.74 -6.51 18.91
C ARG A 253 -3.83 -5.48 19.21
N GLN A 254 -3.37 -4.25 19.46
CA GLN A 254 -4.21 -3.08 19.67
C GLN A 254 -4.03 -2.13 18.51
N ILE A 255 -5.15 -1.72 17.95
CA ILE A 255 -5.15 -0.62 16.93
C ILE A 255 -5.39 0.67 17.71
N LYS A 256 -4.52 1.64 17.52
CA LYS A 256 -4.62 2.94 18.20
C LYS A 256 -5.07 3.98 17.19
N ALA A 257 -5.85 4.95 17.64
CA ALA A 257 -6.32 6.08 16.80
C ALA A 257 -5.58 7.36 17.21
N SER A 258 -5.23 8.18 16.23
CA SER A 258 -4.58 9.47 16.49
C SER A 258 -5.58 10.57 16.84
N PHE A 259 -6.87 10.28 16.73
CA PHE A 259 -7.97 11.25 16.79
C PHE A 259 -9.07 10.70 17.72
N LYS A 260 -9.86 11.61 18.30
CA LYS A 260 -10.89 11.28 19.32
C LYS A 260 -12.25 10.93 18.65
C2 A1IOX B . 4.80 -4.99 -1.08
C4 A1IOX B . 6.98 -6.16 -0.87
C5 A1IOX B . 7.84 -5.07 -0.95
C6 A1IOX B . 9.20 -5.28 -1.02
C8 A1IOX B . 8.88 -7.63 -0.95
C10 A1IOX B . 3.31 -5.26 -0.98
C11 A1IOX B . 2.85 -4.76 0.36
N12 A1IOX B . 3.35 -5.10 1.56
O1 A1IOX B . 5.25 -3.86 -1.32
N3 A1IOX B . 5.58 -6.05 -0.83
C7 A1IOX B . 9.73 -6.55 -1.02
C9 A1IOX B . 7.51 -7.45 -0.88
N13 A1IOX B . 2.68 -4.40 2.47
N14 A1IOX B . 1.79 -3.65 1.89
N15 A1IOX B . 1.90 -3.88 0.56
C1 EDO C . -7.81 -12.36 -3.09
O1 EDO C . -8.26 -11.74 -1.94
C2 EDO C . -8.38 -11.69 -4.20
O2 EDO C . -8.06 -12.23 -5.48
ZN ZN D . 0.65 -3.02 -0.59
#